data_5L04
#
_entry.id   5L04
#
_cell.length_a   165.700
_cell.length_b   53.800
_cell.length_c   87.390
_cell.angle_alpha   90.000
_cell.angle_beta   114.720
_cell.angle_gamma   90.000
#
_symmetry.space_group_name_H-M   'C 1 2 1'
#
loop_
_entity.id
_entity.type
_entity.pdbx_description
1 polymer 'Tyrosine-protein kinase JAK1'
2 polymer 'Interferon lambda receptor 1'
3 water water
#
loop_
_entity_poly.entity_id
_entity_poly.type
_entity_poly.pdbx_seq_one_letter_code
_entity_poly.pdbx_strand_id
1 'polypeptide(L)'
;GAPEPGVEVIFYLSDREPLRLGSGEYTAEELCIRAAQACRISPLCHNLFALYDENTKLWYAPNRTITVDDKMSLRLHYRM
RFYFTNWHGTNDNEQSVWRHSPKKQKNGYEKKKIPDATPLLDASSLEYLFAQGQYDLVKCLAPIRDPKTEQDGHDIENEC
LGMAVLAISHYAMMKKMQLPELPKDISYKRYIPETLNKSIRQRNLLTRMRINNVFKDFLKEFNNKTICDSSVSTHDLKVK
YLATLETLTKHYGAEIFETSMLLISSENEMNWFHSNDGGNVLYYEVMVTGNLGIQWRHKPNVVSVEKEKNKLKRKKLENK
HKKDEEKNKIREEWNNFSYFPEITHIVIKESVVSINKQDNKKMELKLSSHEEALSFVSLVDGYFRLTADAHHYLCTDVAP
PLIVHNIQNGCHGPICTEYAINKLRQEGSEEGMYVLRWSCTDFDNILMTVTCFEKSEQVQGAQKQFKNFQIEVQKGRYSL
HGSDRSFPSLGDLMSHLKKQILRTDNISFMLKRCCQPKPREISNLLVATKKAQEWQPVYPMSQLSFDRSG
;
A
2 'polypeptide(L)' RAKMPRALDFSGHTHPVATFQPSRPESVNDLFLCPQKELTRGVRPTPR B
#
# COMPACT_ATOMS: atom_id res chain seq x y z
N GLY A 6 27.36 -0.18 -5.03
CA GLY A 6 26.57 -1.41 -4.67
C GLY A 6 25.05 -1.29 -4.91
N VAL A 7 24.30 -2.28 -4.42
CA VAL A 7 22.83 -2.35 -4.59
C VAL A 7 22.05 -2.04 -3.29
N GLU A 8 21.25 -1.00 -3.37
CA GLU A 8 20.56 -0.48 -2.20
C GLU A 8 19.06 -0.23 -2.41
N VAL A 9 18.30 -0.46 -1.37
CA VAL A 9 16.91 -0.06 -1.35
C VAL A 9 16.90 1.14 -0.46
N ILE A 10 16.49 2.24 -1.04
CA ILE A 10 16.44 3.56 -0.33
C ILE A 10 15.07 3.83 0.23
N PHE A 11 15.06 4.53 1.33
CA PHE A 11 13.88 5.03 2.02
C PHE A 11 13.70 6.51 1.91
N TYR A 12 12.47 6.94 1.78
CA TYR A 12 12.16 8.34 1.79
C TYR A 12 12.24 8.94 3.18
N LEU A 13 12.30 8.12 4.22
CA LEU A 13 12.35 8.58 5.57
C LEU A 13 13.78 9.04 5.79
N SER A 14 13.94 10.20 6.42
CA SER A 14 15.30 10.76 6.76
C SER A 14 16.13 9.93 7.74
N ASP A 15 15.51 9.60 8.85
CA ASP A 15 16.18 8.86 9.92
C ASP A 15 16.49 7.39 9.59
N ARG A 16 16.39 6.96 8.32
CA ARG A 16 16.51 5.53 8.04
C ARG A 16 17.63 5.22 7.06
N GLU A 17 18.44 4.26 7.47
CA GLU A 17 19.53 3.77 6.67
C GLU A 17 19.00 2.87 5.55
N PRO A 18 19.55 3.02 4.33
CA PRO A 18 19.18 2.11 3.25
C PRO A 18 19.43 0.69 3.59
N LEU A 19 18.93 -0.21 2.75
CA LEU A 19 19.29 -1.60 2.84
C LEU A 19 20.41 -1.81 1.88
N ARG A 20 21.48 -2.43 2.34
CA ARG A 20 22.68 -2.65 1.53
C ARG A 20 22.63 -4.12 1.33
N LEU A 21 22.68 -4.52 0.06
CA LEU A 21 22.49 -5.91 -0.26
C LEU A 21 23.78 -6.55 -0.64
N GLY A 22 24.13 -7.60 0.10
CA GLY A 22 25.17 -8.56 -0.32
C GLY A 22 24.90 -9.26 -1.64
N SER A 23 25.94 -9.85 -2.20
CA SER A 23 25.75 -10.64 -3.40
C SER A 23 24.87 -11.87 -3.08
N GLY A 24 24.12 -12.29 -4.08
CA GLY A 24 23.11 -13.32 -3.93
C GLY A 24 21.88 -13.03 -4.78
N GLU A 25 20.86 -13.83 -4.54
CA GLU A 25 19.61 -13.83 -5.26
C GLU A 25 18.48 -13.26 -4.38
N TYR A 26 17.70 -12.32 -4.89
CA TYR A 26 16.54 -11.84 -4.13
C TYR A 26 15.27 -11.78 -4.97
N THR A 27 14.14 -11.83 -4.28
CA THR A 27 12.85 -11.47 -4.82
C THR A 27 12.56 -10.01 -4.46
N ALA A 28 11.89 -9.31 -5.35
CA ALA A 28 11.37 -7.98 -4.99
C ALA A 28 10.56 -7.98 -3.72
N GLU A 29 9.71 -8.98 -3.61
CA GLU A 29 8.84 -9.16 -2.47
C GLU A 29 9.63 -9.39 -1.23
N GLU A 30 10.62 -10.27 -1.27
CA GLU A 30 11.49 -10.45 -0.07
C GLU A 30 12.08 -9.14 0.40
N LEU A 31 12.54 -8.37 -0.57
CA LEU A 31 13.06 -7.04 -0.23
C LEU A 31 12.02 -6.11 0.32
N CYS A 32 10.83 -6.10 -0.26
CA CYS A 32 9.75 -5.28 0.30
C CYS A 32 9.36 -5.71 1.72
N ILE A 33 9.46 -7.01 1.99
CA ILE A 33 9.22 -7.49 3.38
C ILE A 33 10.30 -6.93 4.37
N ARG A 34 11.56 -7.00 3.95
CA ARG A 34 12.64 -6.38 4.75
C ARG A 34 12.41 -4.95 4.96
N ALA A 35 12.03 -4.29 3.88
CA ALA A 35 11.76 -2.91 3.92
C ALA A 35 10.65 -2.55 4.90
N ALA A 36 9.58 -3.33 4.93
CA ALA A 36 8.46 -3.01 5.84
C ALA A 36 8.87 -3.20 7.32
N GLN A 37 9.76 -4.16 7.56
CA GLN A 37 10.26 -4.45 8.91
C GLN A 37 11.08 -3.26 9.38
N ALA A 38 12.06 -2.88 8.56
CA ALA A 38 12.78 -1.61 8.70
C ALA A 38 11.93 -0.38 8.93
N CYS A 39 10.79 -0.21 8.26
CA CYS A 39 10.01 1.02 8.44
C CYS A 39 8.80 0.84 9.33
N ARG A 40 8.72 -0.33 10.01
CA ARG A 40 7.55 -0.66 10.91
C ARG A 40 6.21 -0.72 10.19
N ILE A 41 6.24 -1.18 8.96
CA ILE A 41 5.00 -1.29 8.20
C ILE A 41 4.36 -2.63 8.56
N SER A 42 3.09 -2.56 8.99
CA SER A 42 2.38 -3.80 9.36
C SER A 42 2.12 -4.73 8.14
N PRO A 43 2.13 -6.02 8.36
CA PRO A 43 1.74 -7.01 7.29
C PRO A 43 0.46 -6.66 6.52
N LEU A 44 -0.44 -5.96 7.20
CA LEU A 44 -1.66 -5.52 6.63
C LEU A 44 -1.44 -4.46 5.51
N CYS A 45 -0.46 -3.58 5.66
CA CYS A 45 -0.17 -2.47 4.77
C CYS A 45 0.92 -2.79 3.81
N HIS A 46 1.54 -3.94 4.02
CA HIS A 46 2.71 -4.34 3.28
C HIS A 46 2.45 -4.27 1.79
N ASN A 47 1.25 -4.69 1.35
CA ASN A 47 1.09 -4.87 -0.11
C ASN A 47 0.74 -3.56 -0.82
N LEU A 48 0.74 -2.42 -0.07
CA LEU A 48 0.64 -1.10 -0.69
C LEU A 48 1.97 -0.59 -1.32
N PHE A 49 3.08 -1.25 -1.00
CA PHE A 49 4.42 -0.80 -1.26
C PHE A 49 5.00 -1.69 -2.31
N ALA A 50 5.87 -1.15 -3.15
CA ALA A 50 6.67 -1.95 -4.08
C ALA A 50 8.03 -1.24 -4.31
N LEU A 51 8.88 -1.81 -5.14
CA LEU A 51 10.20 -1.19 -5.47
C LEU A 51 10.11 -0.44 -6.79
N TYR A 52 10.62 0.79 -6.76
CA TYR A 52 10.64 1.72 -7.89
C TYR A 52 12.04 2.16 -8.22
N ASP A 53 12.38 2.12 -9.49
CA ASP A 53 13.63 2.64 -9.99
C ASP A 53 13.33 4.01 -10.58
N GLU A 54 13.76 5.07 -9.87
CA GLU A 54 13.52 6.44 -10.29
C GLU A 54 14.28 6.82 -11.57
N ASN A 55 15.31 6.05 -11.95
CA ASN A 55 16.07 6.36 -13.15
C ASN A 55 15.41 5.73 -14.31
N THR A 56 15.24 4.42 -14.32
CA THR A 56 14.48 3.78 -15.42
C THR A 56 12.99 4.19 -15.48
N LYS A 57 12.46 4.76 -14.41
CA LYS A 57 11.03 5.01 -14.24
C LYS A 57 10.15 3.74 -14.27
N LEU A 58 10.61 2.64 -13.72
CA LEU A 58 9.86 1.41 -13.83
C LEU A 58 9.77 0.80 -12.45
N TRP A 59 8.63 0.19 -12.19
CA TRP A 59 8.40 -0.58 -10.97
C TRP A 59 8.76 -2.03 -11.14
N TYR A 60 9.18 -2.67 -10.05
CA TYR A 60 9.42 -4.10 -10.08
C TYR A 60 8.15 -4.83 -9.69
N ALA A 61 7.83 -5.88 -10.42
CA ALA A 61 6.81 -6.83 -10.04
C ALA A 61 7.34 -7.63 -8.86
N PRO A 62 6.44 -8.01 -7.93
CA PRO A 62 6.79 -8.71 -6.69
C PRO A 62 7.59 -10.00 -6.86
N ASN A 63 7.43 -10.68 -7.98
CA ASN A 63 8.15 -11.90 -8.24
C ASN A 63 9.44 -11.69 -9.03
N ARG A 64 9.77 -10.46 -9.37
CA ARG A 64 11.06 -10.24 -10.04
C ARG A 64 12.29 -10.66 -9.23
N THR A 65 13.24 -11.29 -9.91
CA THR A 65 14.49 -11.76 -9.29
C THR A 65 15.63 -10.78 -9.50
N ILE A 66 16.34 -10.46 -8.43
CA ILE A 66 17.50 -9.53 -8.48
C ILE A 66 18.73 -10.35 -8.06
N THR A 67 19.61 -10.60 -9.00
CA THR A 67 20.86 -11.32 -8.74
C THR A 67 21.88 -10.25 -8.51
N VAL A 68 22.40 -10.17 -7.31
CA VAL A 68 23.39 -9.12 -7.01
C VAL A 68 24.80 -9.73 -7.03
N ASP A 69 25.71 -9.10 -7.77
CA ASP A 69 27.13 -9.45 -7.70
C ASP A 69 27.87 -8.25 -7.10
N ASP A 70 29.18 -8.37 -6.92
CA ASP A 70 30.00 -7.23 -6.44
C ASP A 70 30.25 -6.13 -7.52
N LYS A 71 29.90 -6.40 -8.77
CA LYS A 71 30.01 -5.42 -9.87
C LYS A 71 28.86 -4.41 -9.94
N MET A 72 27.64 -4.94 -9.83
CA MET A 72 26.40 -4.23 -10.09
C MET A 72 26.18 -3.07 -9.11
N SER A 73 25.73 -1.93 -9.66
CA SER A 73 25.30 -0.78 -8.84
C SER A 73 23.83 -0.45 -9.14
N LEU A 74 22.99 -0.43 -8.10
CA LEU A 74 21.57 -0.20 -8.28
C LEU A 74 20.89 0.48 -7.10
N ARG A 75 20.15 1.55 -7.36
CA ARG A 75 19.37 2.22 -6.33
C ARG A 75 17.88 1.98 -6.60
N LEU A 76 17.22 1.23 -5.72
CA LEU A 76 15.75 1.15 -5.75
C LEU A 76 15.14 1.96 -4.60
N HIS A 77 13.99 2.60 -4.84
CA HIS A 77 13.25 3.21 -3.73
C HIS A 77 12.09 2.30 -3.30
N TYR A 78 12.00 2.12 -2.02
CA TYR A 78 10.84 1.51 -1.43
C TYR A 78 9.76 2.58 -1.43
N ARG A 79 8.63 2.30 -2.09
CA ARG A 79 7.65 3.35 -2.36
C ARG A 79 6.24 2.88 -2.25
N MET A 80 5.38 3.68 -1.68
CA MET A 80 3.97 3.34 -1.68
C MET A 80 3.46 3.48 -3.12
N ARG A 81 2.86 2.42 -3.62
CA ARG A 81 2.43 2.31 -4.99
C ARG A 81 0.94 2.39 -5.13
N PHE A 82 0.23 1.66 -4.29
CA PHE A 82 -1.23 1.47 -4.48
C PHE A 82 -1.91 2.50 -3.62
N TYR A 83 -2.77 3.31 -4.21
CA TYR A 83 -3.21 4.50 -3.55
C TYR A 83 -4.67 4.72 -3.86
N PHE A 84 -5.37 5.27 -2.90
CA PHE A 84 -6.81 5.49 -3.04
C PHE A 84 -7.10 6.89 -2.65
N THR A 85 -7.43 7.72 -3.61
CA THR A 85 -7.80 9.10 -3.29
C THR A 85 -8.84 9.12 -2.19
N ASN A 86 -8.62 10.03 -1.25
CA ASN A 86 -9.51 10.24 -0.12
C ASN A 86 -9.56 9.12 0.89
N TRP A 87 -8.45 8.37 0.99
CA TRP A 87 -8.17 7.40 2.04
C TRP A 87 -8.29 8.05 3.41
N HIS A 88 -8.04 9.34 3.45
CA HIS A 88 -7.98 10.12 4.66
C HIS A 88 -9.37 10.59 5.14
N GLY A 89 -10.39 10.42 4.31
CA GLY A 89 -11.71 10.85 4.65
C GLY A 89 -11.98 12.34 4.89
N THR A 90 -11.12 13.23 4.43
CA THR A 90 -11.31 14.66 4.69
C THR A 90 -11.83 15.47 3.53
N ASN A 91 -11.96 14.89 2.37
CA ASN A 91 -12.71 15.57 1.34
C ASN A 91 -14.17 15.14 1.24
N ASP A 92 -15.09 16.01 1.65
CA ASP A 92 -16.50 15.61 1.75
C ASP A 92 -17.23 15.61 0.40
N ASN A 93 -16.60 16.16 -0.65
CA ASN A 93 -17.09 15.97 -2.00
C ASN A 93 -16.93 14.58 -2.55
N GLU A 94 -16.04 13.78 -1.97
CA GLU A 94 -15.58 12.54 -2.57
C GLU A 94 -15.96 11.34 -1.69
N GLN A 95 -16.29 10.22 -2.33
CA GLN A 95 -16.34 8.88 -1.67
C GLN A 95 -15.23 8.71 -0.63
N SER A 96 -15.52 8.31 0.59
CA SER A 96 -14.41 7.90 1.48
C SER A 96 -14.01 6.44 1.20
N VAL A 97 -12.84 6.05 1.66
CA VAL A 97 -12.26 4.78 1.29
C VAL A 97 -11.65 4.10 2.54
N TRP A 98 -12.28 3.00 2.95
CA TRP A 98 -11.90 2.27 4.15
C TRP A 98 -11.76 0.75 3.84
N ARG A 99 -11.12 0.05 4.78
CA ARG A 99 -11.12 -1.39 4.81
C ARG A 99 -12.46 -1.88 5.29
N HIS A 100 -12.85 -3.06 4.85
CA HIS A 100 -13.92 -3.77 5.51
C HIS A 100 -13.60 -4.16 6.96
N SER A 101 -14.67 -4.37 7.70
CA SER A 101 -14.55 -4.63 9.13
C SER A 101 -15.64 -5.60 9.62
N PRO A 102 -15.32 -6.46 10.63
CA PRO A 102 -16.32 -7.20 11.38
C PRO A 102 -16.31 -6.66 12.82
N ALA A 117 -16.13 -0.40 9.47
CA ALA A 117 -15.05 0.16 8.63
C ALA A 117 -13.82 0.80 9.37
N THR A 118 -12.67 0.18 9.16
CA THR A 118 -11.36 0.62 9.67
C THR A 118 -10.62 1.54 8.68
N PRO A 119 -9.61 2.29 9.17
CA PRO A 119 -8.66 2.95 8.25
C PRO A 119 -7.80 2.04 7.38
N LEU A 120 -7.56 2.53 6.17
CA LEU A 120 -6.65 1.87 5.24
C LEU A 120 -5.20 1.83 5.76
N LEU A 121 -4.66 2.96 6.25
CA LEU A 121 -3.23 3.09 6.56
C LEU A 121 -3.02 2.93 8.05
N ASP A 122 -1.89 2.30 8.39
CA ASP A 122 -1.38 2.36 9.74
C ASP A 122 -0.47 3.59 9.92
N ALA A 123 -0.18 3.86 11.17
CA ALA A 123 0.51 5.07 11.52
C ALA A 123 1.86 5.07 10.80
N SER A 124 2.57 3.95 10.74
CA SER A 124 3.89 3.98 10.05
C SER A 124 3.76 4.19 8.56
N SER A 125 2.67 3.70 7.95
CA SER A 125 2.45 3.90 6.54
C SER A 125 2.19 5.38 6.24
N LEU A 126 1.44 6.04 7.12
CA LEU A 126 1.17 7.46 6.99
C LEU A 126 2.42 8.27 7.10
N GLU A 127 3.23 7.95 8.07
CA GLU A 127 4.52 8.60 8.22
C GLU A 127 5.38 8.38 6.98
N TYR A 128 5.33 7.18 6.41
CA TYR A 128 6.19 6.86 5.29
C TYR A 128 5.68 7.66 4.09
N LEU A 129 4.38 7.80 4.01
CA LEU A 129 3.76 8.38 2.81
C LEU A 129 4.04 9.88 2.79
N PHE A 130 4.06 10.47 3.97
CA PHE A 130 4.36 11.87 4.16
C PHE A 130 5.76 12.21 3.69
N ALA A 131 6.72 11.37 4.04
CA ALA A 131 8.08 11.55 3.56
C ALA A 131 8.14 11.44 2.05
N GLN A 132 7.43 10.46 1.50
CA GLN A 132 7.40 10.25 0.06
C GLN A 132 6.71 11.42 -0.67
N GLY A 133 5.67 11.95 -0.07
CA GLY A 133 4.88 12.92 -0.74
C GLY A 133 5.67 14.21 -0.81
N GLN A 134 6.42 14.47 0.26
CA GLN A 134 7.29 15.66 0.31
C GLN A 134 8.35 15.56 -0.74
N TYR A 135 8.96 14.40 -0.81
CA TYR A 135 9.93 14.19 -1.84
C TYR A 135 9.31 14.39 -3.24
N ASP A 136 8.13 13.83 -3.47
CA ASP A 136 7.43 14.04 -4.75
C ASP A 136 7.19 15.51 -5.12
N LEU A 137 6.78 16.29 -4.16
CA LEU A 137 6.43 17.66 -4.40
C LEU A 137 7.69 18.51 -4.75
N VAL A 138 8.73 18.33 -3.96
CA VAL A 138 9.99 19.07 -4.11
C VAL A 138 10.72 18.62 -5.36
N LYS A 139 10.75 17.32 -5.63
CA LYS A 139 11.43 16.83 -6.81
C LYS A 139 10.56 16.78 -8.06
N CYS A 140 9.37 17.33 -7.98
CA CYS A 140 8.47 17.43 -9.08
C CYS A 140 7.98 16.11 -9.66
N LEU A 141 8.11 15.03 -8.94
CA LEU A 141 7.40 13.83 -9.30
C LEU A 141 5.91 14.05 -9.18
N ALA A 142 5.46 14.87 -8.24
CA ALA A 142 4.07 15.23 -8.19
C ALA A 142 3.94 16.66 -8.71
N PRO A 143 3.80 16.84 -10.03
CA PRO A 143 3.80 18.20 -10.58
C PRO A 143 2.55 19.03 -10.24
N ILE A 144 2.76 20.29 -9.89
CA ILE A 144 1.65 21.15 -9.57
C ILE A 144 0.78 21.41 -10.76
N ARG A 145 -0.48 21.69 -10.47
CA ARG A 145 -1.41 21.84 -11.54
C ARG A 145 -1.14 23.16 -12.25
N ASP A 146 -1.65 23.26 -13.49
CA ASP A 146 -1.47 24.44 -14.32
C ASP A 146 -2.49 25.50 -14.03
N PRO A 147 -2.08 26.75 -14.14
CA PRO A 147 -3.01 27.83 -13.79
C PRO A 147 -4.12 27.96 -14.80
N LYS A 148 -5.33 28.16 -14.32
CA LYS A 148 -6.42 28.56 -15.19
C LYS A 148 -6.30 30.06 -15.65
N THR A 149 -5.71 30.91 -14.80
CA THR A 149 -5.53 32.36 -14.99
C THR A 149 -4.25 32.81 -14.27
N GLU A 150 -3.75 34.02 -14.53
CA GLU A 150 -2.74 34.64 -13.63
C GLU A 150 -3.20 34.65 -12.16
N GLN A 151 -4.48 34.89 -11.88
CA GLN A 151 -5.00 34.88 -10.50
C GLN A 151 -4.84 33.50 -9.82
N ASP A 152 -5.04 32.45 -10.60
CA ASP A 152 -4.99 31.10 -10.10
C ASP A 152 -3.54 30.72 -9.92
N GLY A 153 -2.71 31.04 -10.93
CA GLY A 153 -1.25 30.97 -10.84
C GLY A 153 -0.66 31.46 -9.54
N HIS A 154 -1.00 32.69 -9.15
CA HIS A 154 -0.58 33.17 -7.83
C HIS A 154 -1.16 32.34 -6.70
N ASP A 155 -2.40 31.88 -6.89
CA ASP A 155 -3.09 31.10 -5.86
C ASP A 155 -2.41 29.73 -5.58
N ILE A 156 -2.02 29.05 -6.65
CA ILE A 156 -1.30 27.81 -6.56
C ILE A 156 0.01 28.02 -5.83
N GLU A 157 0.68 29.09 -6.19
CA GLU A 157 1.93 29.41 -5.54
C GLU A 157 1.80 29.66 -4.05
N ASN A 158 0.73 30.31 -3.65
CA ASN A 158 0.49 30.47 -2.23
C ASN A 158 0.21 29.11 -1.55
N GLU A 159 -0.49 28.22 -2.27
CA GLU A 159 -0.77 26.94 -1.63
C GLU A 159 0.59 26.27 -1.44
N CYS A 160 1.53 26.48 -2.37
CA CYS A 160 2.85 25.88 -2.17
C CYS A 160 3.58 26.36 -0.97
N LEU A 161 3.41 27.66 -0.66
CA LEU A 161 4.01 28.25 0.50
C LEU A 161 3.45 27.61 1.78
N GLY A 162 2.10 27.45 1.83
CA GLY A 162 1.37 26.75 2.89
C GLY A 162 1.95 25.34 3.08
N MET A 163 2.11 24.62 2.00
CA MET A 163 2.77 23.33 2.06
C MET A 163 4.14 23.43 2.69
N ALA A 164 4.83 24.53 2.46
CA ALA A 164 6.16 24.63 3.05
C ALA A 164 5.96 24.87 4.55
N VAL A 165 4.85 25.53 4.91
CA VAL A 165 4.58 25.82 6.32
C VAL A 165 4.25 24.49 7.04
N LEU A 166 3.40 23.66 6.40
CA LEU A 166 3.12 22.30 6.97
C LEU A 166 4.42 21.50 7.16
N ALA A 167 5.25 21.46 6.11
CA ALA A 167 6.48 20.67 6.21
C ALA A 167 7.37 21.11 7.36
N ILE A 168 7.57 22.42 7.44
CA ILE A 168 8.46 23.04 8.44
C ILE A 168 7.85 22.83 9.84
N SER A 169 6.55 23.19 9.97
CA SER A 169 5.88 23.07 11.26
C SER A 169 6.03 21.67 11.79
N HIS A 170 5.72 20.69 10.95
CA HIS A 170 5.90 19.29 11.35
C HIS A 170 7.31 18.91 11.71
N TYR A 171 8.29 19.44 11.01
CA TYR A 171 9.66 19.04 11.31
C TYR A 171 10.00 19.60 12.69
N ALA A 172 9.60 20.83 12.91
CA ALA A 172 9.80 21.41 14.23
C ALA A 172 9.06 20.67 15.32
N MET A 173 7.77 20.36 15.13
CA MET A 173 7.04 19.67 16.22
C MET A 173 7.63 18.30 16.51
N MET A 174 8.39 17.76 15.55
CA MET A 174 9.02 16.44 15.73
C MET A 174 10.29 16.51 16.55
N LYS A 175 11.07 17.58 16.34
CA LYS A 175 12.32 17.76 17.08
C LYS A 175 12.07 18.49 18.40
N LYS A 176 10.80 18.79 18.70
CA LYS A 176 10.40 19.53 19.88
C LYS A 176 11.14 20.85 19.88
N MET A 177 10.84 21.66 18.88
CA MET A 177 11.47 22.94 18.66
C MET A 177 10.36 23.96 18.63
N GLN A 178 10.75 25.23 18.63
CA GLN A 178 9.83 26.28 18.34
C GLN A 178 10.63 27.49 17.91
N LEU A 179 10.24 28.10 16.79
CA LEU A 179 11.02 29.16 16.15
C LEU A 179 12.55 28.93 16.28
N PRO A 180 13.08 28.01 15.45
CA PRO A 180 14.50 28.00 15.14
C PRO A 180 14.71 29.06 14.06
N GLU A 181 15.86 29.05 13.37
CA GLU A 181 16.13 30.05 12.32
C GLU A 181 17.44 29.80 11.60
N SER A 187 14.14 28.91 5.76
CA SER A 187 13.26 29.35 4.66
C SER A 187 12.46 28.29 3.82
N TYR A 188 11.46 28.80 3.11
CA TYR A 188 10.61 28.00 2.25
C TYR A 188 11.26 27.26 1.07
N LYS A 189 12.46 27.65 0.66
CA LYS A 189 12.99 27.28 -0.66
C LYS A 189 13.14 25.75 -0.92
N ARG A 190 13.49 25.00 0.13
CA ARG A 190 13.78 23.58 0.03
C ARG A 190 12.55 22.68 0.21
N TYR A 191 11.36 23.28 0.42
CA TYR A 191 10.11 22.64 0.78
C TYR A 191 9.08 22.91 -0.28
N ILE A 192 9.47 23.51 -1.42
CA ILE A 192 8.55 23.78 -2.54
C ILE A 192 9.08 23.13 -3.80
N PRO A 193 8.24 23.03 -4.81
CA PRO A 193 8.82 22.32 -5.98
C PRO A 193 10.01 23.09 -6.55
N GLU A 194 10.98 22.37 -7.06
CA GLU A 194 12.25 22.91 -7.51
C GLU A 194 12.09 23.76 -8.76
N THR A 195 11.20 23.35 -9.64
CA THR A 195 10.81 24.15 -10.77
C THR A 195 10.28 25.49 -10.33
N LEU A 196 9.50 25.51 -9.28
CA LEU A 196 8.93 26.76 -8.88
C LEU A 196 10.00 27.63 -8.17
N ASN A 197 10.88 27.00 -7.44
CA ASN A 197 11.97 27.73 -6.85
C ASN A 197 12.84 28.44 -7.92
N LYS A 198 13.24 27.69 -8.94
CA LYS A 198 13.92 28.21 -10.10
C LYS A 198 13.20 29.42 -10.70
N SER A 199 11.91 29.27 -10.93
CA SER A 199 11.03 30.33 -11.38
C SER A 199 11.11 31.56 -10.51
N ILE A 200 11.07 31.41 -9.20
CA ILE A 200 11.06 32.56 -8.28
C ILE A 200 12.45 33.26 -8.26
N ARG A 201 13.51 32.47 -8.26
CA ARG A 201 14.82 33.04 -8.22
C ARG A 201 15.07 33.85 -9.49
N GLN A 202 14.24 33.75 -10.53
CA GLN A 202 14.47 34.61 -11.71
C GLN A 202 13.62 35.83 -11.79
N ARG A 203 12.89 36.13 -10.74
CA ARG A 203 12.02 37.28 -10.76
C ARG A 203 12.78 38.39 -10.07
N ASN A 204 12.23 39.59 -10.14
CA ASN A 204 12.92 40.77 -9.68
C ASN A 204 13.04 40.69 -8.15
N LEU A 205 14.00 41.45 -7.59
CA LEU A 205 14.27 41.50 -6.13
C LEU A 205 13.09 41.77 -5.23
N LEU A 206 12.29 42.76 -5.59
CA LEU A 206 11.10 43.09 -4.77
C LEU A 206 10.07 41.96 -4.76
N THR A 207 9.98 41.21 -5.88
CA THR A 207 9.07 40.04 -6.01
C THR A 207 9.56 38.98 -5.04
N ARG A 208 10.84 38.60 -5.15
CA ARG A 208 11.43 37.61 -4.27
C ARG A 208 11.31 37.96 -2.78
N MET A 209 11.38 39.23 -2.42
CA MET A 209 11.30 39.65 -1.02
C MET A 209 9.86 39.64 -0.53
N ARG A 210 8.95 40.05 -1.41
CA ARG A 210 7.51 39.93 -1.14
C ARG A 210 7.13 38.46 -0.76
N ILE A 211 7.65 37.51 -1.54
CA ILE A 211 7.25 36.07 -1.46
C ILE A 211 7.75 35.56 -0.14
N ASN A 212 9.06 35.73 0.09
CA ASN A 212 9.67 35.37 1.36
C ASN A 212 8.94 35.90 2.59
N ASN A 213 8.44 37.11 2.49
CA ASN A 213 7.73 37.76 3.59
C ASN A 213 6.35 37.20 3.80
N VAL A 214 5.60 36.98 2.72
CA VAL A 214 4.28 36.32 2.86
C VAL A 214 4.40 34.93 3.51
N PHE A 215 5.44 34.21 3.12
CA PHE A 215 5.79 32.96 3.71
C PHE A 215 6.08 33.05 5.21
N LYS A 216 6.93 34.02 5.58
CA LYS A 216 7.22 34.35 7.00
C LYS A 216 5.94 34.73 7.75
N ASP A 217 5.01 35.47 7.12
CA ASP A 217 3.71 35.83 7.75
C ASP A 217 2.87 34.58 8.01
N PHE A 218 2.73 33.71 6.99
CA PHE A 218 1.94 32.47 7.13
C PHE A 218 2.45 31.60 8.26
N LEU A 219 3.77 31.41 8.24
CA LEU A 219 4.47 30.64 9.22
C LEU A 219 4.31 31.11 10.65
N LYS A 220 4.47 32.42 10.88
CA LYS A 220 4.26 33.00 12.21
C LYS A 220 2.78 32.86 12.59
N GLU A 221 1.89 33.19 11.67
CA GLU A 221 0.46 33.13 11.97
C GLU A 221 0.02 31.68 12.32
N PHE A 222 0.74 30.70 11.80
CA PHE A 222 0.30 29.30 11.93
C PHE A 222 0.71 28.81 13.30
N ASN A 223 1.99 28.98 13.60
CA ASN A 223 2.61 28.45 14.81
C ASN A 223 2.21 29.15 16.07
N ASN A 224 1.93 30.45 15.98
CA ASN A 224 1.43 31.19 17.13
C ASN A 224 -0.04 30.87 17.20
N LYS A 225 -0.78 31.39 16.25
CA LYS A 225 -2.23 31.35 16.32
C LYS A 225 -2.83 29.93 16.03
N THR A 226 -2.79 29.46 14.78
CA THR A 226 -3.57 28.27 14.31
C THR A 226 -3.43 26.94 15.06
N ILE A 227 -2.19 26.55 15.37
CA ILE A 227 -1.85 25.29 16.02
C ILE A 227 -2.47 25.07 17.40
N CYS A 228 -2.26 26.05 18.28
CA CYS A 228 -2.86 26.03 19.61
C CYS A 228 -4.36 26.14 19.43
N ASP A 229 -4.81 27.17 18.70
CA ASP A 229 -6.26 27.40 18.44
C ASP A 229 -7.06 26.23 17.85
N SER A 230 -6.38 25.19 17.33
CA SER A 230 -7.07 24.03 16.73
C SER A 230 -6.47 22.70 17.16
N SER A 231 -5.54 22.76 18.12
CA SER A 231 -4.84 21.58 18.65
C SER A 231 -4.41 20.66 17.54
N VAL A 232 -3.41 21.10 16.80
CA VAL A 232 -3.03 20.45 15.58
C VAL A 232 -1.87 19.54 15.92
N SER A 233 -2.10 18.25 15.65
CA SER A 233 -1.08 17.23 15.91
C SER A 233 -0.20 17.13 14.72
N THR A 234 0.94 16.53 14.95
CA THR A 234 1.74 16.07 13.86
C THR A 234 0.94 15.16 12.91
N HIS A 235 -0.01 14.41 13.45
CA HIS A 235 -0.85 13.57 12.61
C HIS A 235 -1.74 14.41 11.72
N ASP A 236 -2.32 15.48 12.22
CA ASP A 236 -3.19 16.32 11.35
C ASP A 236 -2.40 16.99 10.25
N LEU A 237 -1.15 17.32 10.57
CA LEU A 237 -0.31 18.00 9.64
C LEU A 237 0.01 17.09 8.46
N LYS A 238 0.21 15.80 8.75
CA LYS A 238 0.55 14.80 7.71
C LYS A 238 -0.67 14.57 6.81
N VAL A 239 -1.81 14.40 7.45
CA VAL A 239 -3.04 14.27 6.73
C VAL A 239 -3.35 15.46 5.83
N LYS A 240 -3.27 16.65 6.39
CA LYS A 240 -3.56 17.86 5.66
C LYS A 240 -2.67 18.02 4.39
N TYR A 241 -1.39 17.75 4.55
CA TYR A 241 -0.45 17.86 3.49
C TYR A 241 -0.79 16.93 2.32
N LEU A 242 -0.99 15.66 2.63
CA LEU A 242 -1.30 14.61 1.64
C LEU A 242 -2.65 14.86 1.03
N ALA A 243 -3.63 15.31 1.82
CA ALA A 243 -4.95 15.63 1.21
C ALA A 243 -4.81 16.81 0.25
N THR A 244 -3.89 17.70 0.59
CA THR A 244 -3.65 18.85 -0.28
C THR A 244 -2.93 18.46 -1.56
N LEU A 245 -1.91 17.58 -1.50
CA LEU A 245 -1.34 17.05 -2.76
C LEU A 245 -2.38 16.52 -3.75
N GLU A 246 -3.41 15.86 -3.23
CA GLU A 246 -4.46 15.38 -4.10
C GLU A 246 -5.11 16.47 -5.00
N THR A 247 -5.25 17.67 -4.50
CA THR A 247 -5.95 18.71 -5.24
C THR A 247 -4.96 19.70 -5.81
N LEU A 248 -3.75 19.76 -5.27
CA LEU A 248 -2.75 20.70 -5.75
C LEU A 248 -1.94 20.18 -6.91
N THR A 249 -1.78 18.87 -7.00
CA THR A 249 -0.90 18.32 -8.06
C THR A 249 -1.70 17.56 -9.08
N LYS A 250 -1.04 17.20 -10.18
CA LYS A 250 -1.69 16.50 -11.28
C LYS A 250 -1.73 14.98 -11.09
N HIS A 251 -2.96 14.48 -10.98
CA HIS A 251 -3.22 13.04 -11.03
C HIS A 251 -2.44 12.33 -9.92
N TYR A 252 -2.54 12.88 -8.72
CA TYR A 252 -1.79 12.32 -7.61
C TYR A 252 -2.35 10.89 -7.38
N GLY A 253 -1.48 9.91 -7.25
CA GLY A 253 -1.83 8.51 -7.05
C GLY A 253 -2.07 7.74 -8.33
N ALA A 254 -1.94 8.39 -9.50
CA ALA A 254 -2.22 7.75 -10.80
C ALA A 254 -0.96 7.29 -11.42
N GLU A 255 -1.01 6.21 -12.19
CA GLU A 255 0.04 5.95 -13.16
C GLU A 255 -0.54 6.04 -14.58
N ILE A 256 0.14 6.77 -15.44
CA ILE A 256 -0.27 6.96 -16.86
C ILE A 256 0.77 6.28 -17.75
N PHE A 257 0.30 5.43 -18.65
CA PHE A 257 1.16 4.72 -19.58
C PHE A 257 0.84 5.23 -20.99
N GLU A 258 1.87 5.31 -21.84
CA GLU A 258 1.80 5.87 -23.22
C GLU A 258 1.91 4.71 -24.16
N THR A 259 1.04 4.68 -25.18
CA THR A 259 1.13 3.65 -26.22
C THR A 259 0.78 4.18 -27.62
N SER A 260 1.44 3.55 -28.61
CA SER A 260 1.11 3.63 -30.03
C SER A 260 -0.09 2.76 -30.39
N MET A 261 0.00 1.45 -30.13
CA MET A 261 -1.14 0.52 -30.36
C MET A 261 -2.09 0.33 -29.14
N LEU A 262 -3.28 0.93 -29.19
CA LEU A 262 -4.37 0.59 -28.26
C LEU A 262 -5.61 0.01 -28.94
N LEU A 263 -5.84 -1.29 -28.80
CA LEU A 263 -7.03 -1.97 -29.33
C LEU A 263 -8.04 -2.24 -28.24
N ILE A 264 -9.25 -1.76 -28.45
CA ILE A 264 -10.38 -2.06 -27.56
C ILE A 264 -11.60 -2.67 -28.28
N SER A 265 -11.98 -3.91 -27.96
CA SER A 265 -13.20 -4.58 -28.50
C SER A 265 -14.47 -3.76 -28.69
N SER A 266 -14.88 -3.03 -27.64
CA SER A 266 -16.05 -2.15 -27.73
C SER A 266 -15.96 -1.03 -28.79
N GLU A 267 -14.74 -0.68 -29.23
CA GLU A 267 -14.49 0.49 -30.09
C GLU A 267 -13.23 0.36 -30.94
N GLY A 279 -0.25 8.01 -42.94
CA GLY A 279 -0.97 8.39 -41.72
C GLY A 279 0.01 8.61 -40.58
N ASN A 280 -0.35 9.52 -39.66
CA ASN A 280 0.49 9.73 -38.48
C ASN A 280 0.25 8.60 -37.45
N VAL A 281 1.28 8.25 -36.70
CA VAL A 281 1.19 7.23 -35.66
C VAL A 281 0.40 7.86 -34.51
N LEU A 282 -0.79 7.35 -34.23
CA LEU A 282 -1.67 7.88 -33.18
C LEU A 282 -1.25 7.38 -31.79
N TYR A 283 -1.58 8.18 -30.78
CA TYR A 283 -1.02 8.07 -29.47
C TYR A 283 -2.10 8.14 -28.41
N TYR A 284 -2.03 7.17 -27.49
CA TYR A 284 -2.98 7.14 -26.39
C TYR A 284 -2.25 7.05 -25.09
N GLU A 285 -2.97 7.49 -24.07
CA GLU A 285 -2.64 7.30 -22.67
C GLU A 285 -3.63 6.37 -22.02
N VAL A 286 -3.09 5.42 -21.23
CA VAL A 286 -3.88 4.57 -20.30
C VAL A 286 -3.54 4.94 -18.86
N MET A 287 -4.56 5.33 -18.09
CA MET A 287 -4.43 5.70 -16.67
C MET A 287 -5.08 4.61 -15.78
N VAL A 288 -4.34 4.22 -14.76
CA VAL A 288 -4.78 3.29 -13.70
C VAL A 288 -4.80 4.02 -12.35
N THR A 289 -5.96 4.01 -11.69
CA THR A 289 -6.04 4.47 -10.32
C THR A 289 -6.79 3.54 -9.44
N GLY A 290 -6.53 3.58 -8.13
CA GLY A 290 -7.30 2.74 -7.23
C GLY A 290 -8.81 2.96 -7.24
N ASN A 291 -9.19 4.21 -7.33
CA ASN A 291 -10.60 4.56 -7.24
C ASN A 291 -11.34 4.39 -8.52
N LEU A 292 -10.68 4.63 -9.66
CA LEU A 292 -11.41 4.58 -10.93
C LEU A 292 -11.08 3.46 -11.84
N GLY A 293 -10.08 2.69 -11.54
CA GLY A 293 -9.75 1.56 -12.40
C GLY A 293 -8.95 2.03 -13.62
N ILE A 294 -9.21 1.39 -14.75
CA ILE A 294 -8.41 1.47 -15.98
C ILE A 294 -9.21 2.36 -16.95
N GLN A 295 -8.65 3.53 -17.22
CA GLN A 295 -9.20 4.53 -18.16
C GLN A 295 -8.22 4.85 -19.31
N TRP A 296 -8.72 5.49 -20.39
CA TRP A 296 -7.87 5.73 -21.58
C TRP A 296 -8.36 6.93 -22.36
N ARG A 297 -7.42 7.45 -23.14
CA ARG A 297 -7.78 8.58 -24.06
C ARG A 297 -6.75 8.75 -25.13
N HIS A 298 -7.18 9.40 -26.20
CA HIS A 298 -6.26 9.96 -27.19
C HIS A 298 -5.38 10.95 -26.47
N LYS A 299 -4.07 10.80 -26.70
CA LYS A 299 -3.03 11.62 -26.08
C LYS A 299 -3.21 13.00 -26.70
N PRO A 300 -3.54 14.05 -25.89
CA PRO A 300 -4.10 15.29 -26.46
C PRO A 300 -3.10 16.25 -27.13
N GLU A 333 -12.82 13.82 -21.05
CA GLU A 333 -11.45 13.47 -21.42
C GLU A 333 -11.11 11.97 -21.25
N TRP A 334 -11.26 11.39 -20.06
CA TRP A 334 -10.97 9.90 -19.91
C TRP A 334 -12.16 8.95 -20.16
N ASN A 335 -11.95 7.89 -20.93
CA ASN A 335 -12.93 6.84 -21.12
C ASN A 335 -12.67 5.69 -20.14
N ASN A 336 -13.74 5.08 -19.64
CA ASN A 336 -13.62 4.00 -18.68
C ASN A 336 -13.55 2.73 -19.43
N PHE A 337 -12.56 1.89 -19.20
CA PHE A 337 -12.59 0.56 -19.73
C PHE A 337 -13.12 -0.41 -18.73
N SER A 338 -12.62 -0.38 -17.49
CA SER A 338 -12.89 -1.43 -16.52
C SER A 338 -12.47 -1.06 -15.10
N TYR A 339 -13.35 -1.35 -14.16
CA TYR A 339 -12.89 -1.53 -12.81
C TYR A 339 -12.30 -2.93 -12.52
N PHE A 340 -11.52 -3.08 -11.44
CA PHE A 340 -10.65 -4.30 -11.26
C PHE A 340 -11.45 -5.59 -11.15
N PRO A 341 -12.55 -5.57 -10.38
CA PRO A 341 -13.26 -6.86 -10.16
C PRO A 341 -13.86 -7.46 -11.42
N GLU A 342 -14.08 -6.65 -12.47
CA GLU A 342 -14.63 -7.18 -13.74
C GLU A 342 -13.60 -7.84 -14.55
N ILE A 343 -12.32 -7.74 -14.17
CA ILE A 343 -11.24 -8.41 -14.94
C ILE A 343 -11.13 -9.87 -14.55
N THR A 344 -10.92 -10.77 -15.54
CA THR A 344 -10.83 -12.16 -15.33
C THR A 344 -9.42 -12.64 -15.42
N HIS A 345 -8.69 -12.09 -16.37
CA HIS A 345 -7.32 -12.44 -16.57
C HIS A 345 -6.60 -11.49 -17.48
N ILE A 346 -5.28 -11.53 -17.41
CA ILE A 346 -4.43 -10.61 -18.13
C ILE A 346 -3.31 -11.44 -18.71
N VAL A 347 -2.99 -11.17 -19.98
CA VAL A 347 -1.95 -11.86 -20.70
C VAL A 347 -0.88 -10.91 -21.18
N ILE A 348 0.34 -11.37 -21.08
CA ILE A 348 1.46 -10.61 -21.59
C ILE A 348 2.15 -11.37 -22.70
N LYS A 349 2.35 -10.69 -23.82
CA LYS A 349 2.98 -11.21 -25.01
C LYS A 349 4.09 -10.22 -25.29
N GLU A 350 5.28 -10.51 -24.79
CA GLU A 350 6.42 -9.60 -24.92
C GLU A 350 6.17 -8.19 -24.35
N SER A 351 5.79 -7.22 -25.18
CA SER A 351 5.47 -5.87 -24.72
C SER A 351 4.01 -5.59 -24.77
N VAL A 352 3.22 -6.58 -25.23
CA VAL A 352 1.78 -6.39 -25.39
C VAL A 352 1.00 -7.00 -24.24
N VAL A 353 -0.01 -6.26 -23.79
CA VAL A 353 -0.78 -6.63 -22.64
C VAL A 353 -2.21 -6.70 -23.07
N SER A 354 -2.88 -7.82 -22.79
CA SER A 354 -4.29 -7.89 -22.99
C SER A 354 -4.94 -8.06 -21.67
N ILE A 355 -5.95 -7.23 -21.44
CA ILE A 355 -6.80 -7.28 -20.26
C ILE A 355 -8.19 -7.77 -20.68
N ASN A 356 -8.62 -8.89 -20.12
CA ASN A 356 -9.88 -9.57 -20.45
C ASN A 356 -10.89 -9.38 -19.36
N LYS A 357 -12.08 -8.93 -19.72
CA LYS A 357 -13.18 -8.72 -18.79
C LYS A 357 -14.15 -9.87 -18.85
N GLN A 358 -14.97 -9.98 -17.81
CA GLN A 358 -16.03 -10.96 -17.65
C GLN A 358 -16.97 -10.91 -18.86
N ASP A 359 -17.24 -9.70 -19.37
CA ASP A 359 -18.14 -9.58 -20.56
C ASP A 359 -17.49 -9.82 -21.93
N ASN A 360 -16.33 -10.46 -21.93
CA ASN A 360 -15.57 -10.79 -23.15
C ASN A 360 -15.01 -9.62 -23.90
N LYS A 361 -15.13 -8.43 -23.32
CA LYS A 361 -14.43 -7.26 -23.85
C LYS A 361 -12.97 -7.30 -23.51
N LYS A 362 -12.16 -6.75 -24.37
CA LYS A 362 -10.70 -6.81 -24.22
C LYS A 362 -10.06 -5.43 -24.51
N MET A 363 -9.02 -5.09 -23.75
CA MET A 363 -8.10 -4.00 -24.12
C MET A 363 -6.74 -4.62 -24.39
N GLU A 364 -6.18 -4.35 -25.55
CA GLU A 364 -4.77 -4.72 -25.80
C GLU A 364 -3.96 -3.45 -25.98
N LEU A 365 -2.78 -3.41 -25.37
CA LEU A 365 -1.86 -2.27 -25.56
C LEU A 365 -0.43 -2.71 -25.66
N LYS A 366 0.39 -1.91 -26.32
CA LYS A 366 1.77 -2.26 -26.60
C LYS A 366 2.58 -1.17 -25.91
N LEU A 367 3.54 -1.61 -25.12
CA LEU A 367 4.34 -0.74 -24.25
C LEU A 367 5.76 -0.86 -24.74
N SER A 368 6.68 -0.11 -24.14
CA SER A 368 8.11 -0.03 -24.56
C SER A 368 8.87 -1.27 -24.57
N SER A 369 8.56 -2.13 -23.62
CA SER A 369 9.41 -3.26 -23.34
C SER A 369 8.59 -4.18 -22.51
N HIS A 370 9.14 -5.34 -22.28
CA HIS A 370 8.51 -6.36 -21.48
C HIS A 370 8.54 -5.89 -20.01
N GLU A 371 9.63 -5.24 -19.62
CA GLU A 371 9.74 -4.75 -18.27
C GLU A 371 8.66 -3.73 -18.02
N GLU A 372 8.41 -2.83 -18.95
CA GLU A 372 7.25 -1.94 -18.77
C GLU A 372 5.92 -2.70 -18.76
N ALA A 373 5.84 -3.83 -19.45
CA ALA A 373 4.58 -4.53 -19.45
C ALA A 373 4.35 -5.15 -18.05
N LEU A 374 5.42 -5.65 -17.45
CA LEU A 374 5.33 -6.27 -16.18
C LEU A 374 5.02 -5.25 -15.10
N SER A 375 5.49 -4.03 -15.29
CA SER A 375 5.22 -2.97 -14.35
C SER A 375 3.74 -2.58 -14.43
N PHE A 376 3.22 -2.55 -15.63
CA PHE A 376 1.82 -2.20 -15.79
C PHE A 376 0.90 -3.25 -15.14
N VAL A 377 1.17 -4.49 -15.45
CA VAL A 377 0.33 -5.55 -15.03
C VAL A 377 0.42 -5.76 -13.50
N SER A 378 1.59 -5.50 -12.90
CA SER A 378 1.78 -5.53 -11.44
C SER A 378 0.84 -4.61 -10.73
N LEU A 379 0.63 -3.48 -11.36
CA LEU A 379 -0.20 -2.47 -10.81
C LEU A 379 -1.65 -2.93 -10.86
N VAL A 380 -2.07 -3.51 -11.99
CA VAL A 380 -3.50 -3.83 -12.14
C VAL A 380 -3.84 -4.95 -11.19
N ASP A 381 -2.91 -5.88 -11.15
CA ASP A 381 -2.97 -7.06 -10.35
C ASP A 381 -2.96 -6.74 -8.84
N GLY A 382 -2.12 -5.79 -8.42
CA GLY A 382 -2.08 -5.33 -7.01
C GLY A 382 -3.39 -4.67 -6.59
N TYR A 383 -4.01 -3.95 -7.51
CA TYR A 383 -5.26 -3.27 -7.22
C TYR A 383 -6.40 -4.29 -7.23
N PHE A 384 -6.28 -5.33 -8.04
CA PHE A 384 -7.27 -6.40 -8.05
C PHE A 384 -7.31 -7.11 -6.66
N ARG A 385 -6.15 -7.37 -6.10
CA ARG A 385 -6.01 -7.96 -4.75
C ARG A 385 -6.56 -7.05 -3.66
N LEU A 386 -6.57 -5.77 -3.92
CA LEU A 386 -6.98 -4.82 -2.94
C LEU A 386 -8.50 -4.55 -2.99
N THR A 387 -9.12 -4.79 -4.13
CA THR A 387 -10.50 -4.37 -4.34
C THR A 387 -11.43 -5.55 -4.69
N ALA A 388 -10.92 -6.67 -5.17
CA ALA A 388 -11.74 -7.80 -5.66
C ALA A 388 -11.47 -9.09 -4.89
N ASP A 389 -10.20 -9.48 -4.73
CA ASP A 389 -9.82 -10.79 -4.15
C ASP A 389 -8.38 -10.81 -3.61
N ALA A 390 -8.26 -10.89 -2.29
CA ALA A 390 -7.00 -10.77 -1.63
C ALA A 390 -6.16 -11.98 -1.85
N HIS A 391 -6.74 -13.07 -2.35
CA HIS A 391 -5.97 -14.31 -2.35
C HIS A 391 -5.63 -14.80 -3.73
N HIS A 392 -5.91 -14.01 -4.76
CA HIS A 392 -5.87 -14.50 -6.12
C HIS A 392 -5.06 -13.53 -7.05
N TYR A 393 -4.58 -14.03 -8.16
CA TYR A 393 -3.86 -13.23 -9.13
C TYR A 393 -4.36 -13.33 -10.57
N LEU A 394 -4.15 -12.28 -11.38
CA LEU A 394 -4.63 -12.21 -12.75
C LEU A 394 -3.63 -12.66 -13.81
N CYS A 395 -2.36 -12.75 -13.50
CA CYS A 395 -1.35 -12.98 -14.51
C CYS A 395 -0.20 -13.64 -13.88
N THR A 396 0.04 -14.85 -14.34
CA THR A 396 1.11 -15.68 -13.86
C THR A 396 2.45 -15.00 -13.86
N ASP A 397 2.72 -14.16 -14.84
CA ASP A 397 4.04 -13.55 -14.98
C ASP A 397 4.40 -12.55 -13.89
N VAL A 398 3.43 -12.01 -13.16
CA VAL A 398 3.71 -11.07 -12.04
C VAL A 398 3.16 -11.61 -10.69
N ALA A 399 2.70 -12.85 -10.65
CA ALA A 399 2.13 -13.38 -9.43
C ALA A 399 3.14 -13.28 -8.27
N PRO A 400 2.76 -12.64 -7.17
CA PRO A 400 3.59 -12.64 -5.97
C PRO A 400 3.82 -14.01 -5.37
N PRO A 401 5.10 -14.36 -5.10
CA PRO A 401 5.39 -15.67 -4.56
C PRO A 401 4.62 -15.99 -3.29
N LEU A 402 4.43 -15.04 -2.41
CA LEU A 402 3.66 -15.39 -1.23
C LEU A 402 2.24 -15.73 -1.56
N ILE A 403 1.65 -15.03 -2.56
CA ILE A 403 0.25 -15.27 -2.97
C ILE A 403 0.08 -16.68 -3.48
N VAL A 404 1.01 -17.06 -4.34
CA VAL A 404 1.03 -18.40 -4.89
C VAL A 404 1.18 -19.47 -3.83
N HIS A 405 2.20 -19.35 -3.01
CA HIS A 405 2.41 -20.36 -1.98
C HIS A 405 1.20 -20.41 -1.05
N ASN A 406 0.60 -19.25 -0.78
CA ASN A 406 -0.54 -19.30 0.15
C ASN A 406 -1.70 -20.11 -0.45
N ILE A 407 -1.87 -19.98 -1.75
CA ILE A 407 -2.89 -20.72 -2.47
C ILE A 407 -2.57 -22.18 -2.44
N GLN A 408 -1.34 -22.54 -2.75
CA GLN A 408 -0.97 -23.96 -2.69
C GLN A 408 -1.15 -24.51 -1.34
N ASN A 409 -1.07 -23.70 -0.28
CA ASN A 409 -1.24 -24.22 1.09
C ASN A 409 -2.56 -23.99 1.77
N GLY A 410 -3.56 -23.40 1.14
CA GLY A 410 -4.83 -23.17 1.88
C GLY A 410 -4.76 -22.07 2.93
N CYS A 411 -3.80 -21.16 2.80
CA CYS A 411 -3.55 -20.15 3.83
C CYS A 411 -4.07 -18.77 3.46
N HIS A 412 -4.74 -18.12 4.41
CA HIS A 412 -5.16 -16.75 4.26
C HIS A 412 -4.03 -15.81 4.54
N GLY A 413 -4.22 -14.58 4.04
CA GLY A 413 -3.46 -13.43 4.48
C GLY A 413 -3.84 -13.00 5.90
N PRO A 414 -3.41 -11.82 6.29
CA PRO A 414 -3.53 -11.39 7.69
C PRO A 414 -4.93 -10.86 7.97
N ILE A 415 -5.87 -11.74 7.79
CA ILE A 415 -7.27 -11.47 8.18
C ILE A 415 -7.46 -11.28 9.69
N CYS A 416 -8.37 -10.42 10.12
CA CYS A 416 -8.74 -10.36 11.55
C CYS A 416 -9.25 -11.73 12.04
N THR A 417 -9.00 -12.03 13.30
CA THR A 417 -9.44 -13.27 13.94
C THR A 417 -10.93 -13.54 13.76
N GLU A 418 -11.76 -12.50 13.85
CA GLU A 418 -13.22 -12.67 13.73
C GLU A 418 -13.63 -13.21 12.38
N TYR A 419 -12.91 -12.89 11.31
CA TYR A 419 -13.28 -13.44 10.02
C TYR A 419 -12.94 -14.94 10.05
N ALA A 420 -11.83 -15.32 10.68
CA ALA A 420 -11.45 -16.75 10.73
C ALA A 420 -12.54 -17.52 11.50
N ILE A 421 -13.00 -16.93 12.61
CA ILE A 421 -14.04 -17.52 13.45
C ILE A 421 -15.31 -17.60 12.64
N ASN A 422 -15.64 -16.55 11.87
CA ASN A 422 -16.88 -16.60 11.10
C ASN A 422 -16.84 -17.66 10.09
N LYS A 423 -15.69 -17.84 9.48
CA LYS A 423 -15.62 -18.92 8.48
C LYS A 423 -15.77 -20.31 9.14
N LEU A 424 -15.24 -20.49 10.34
CA LEU A 424 -15.43 -21.75 11.08
C LEU A 424 -16.90 -21.96 11.53
N ARG A 425 -17.54 -20.91 12.08
CA ARG A 425 -18.99 -20.92 12.36
C ARG A 425 -19.85 -21.24 11.13
N GLN A 426 -19.42 -20.91 9.93
CA GLN A 426 -20.16 -21.36 8.77
C GLN A 426 -19.71 -22.69 8.20
N GLU A 427 -18.45 -22.84 7.79
CA GLU A 427 -17.99 -24.09 7.09
C GLU A 427 -17.04 -25.05 7.92
N GLY A 428 -16.82 -24.74 9.21
CA GLY A 428 -15.92 -25.56 10.08
C GLY A 428 -16.55 -25.83 11.43
N SER A 429 -17.83 -26.20 11.35
CA SER A 429 -18.68 -26.43 12.51
C SER A 429 -18.22 -27.64 13.40
N GLU A 430 -17.64 -28.67 12.78
CA GLU A 430 -17.12 -29.82 13.50
C GLU A 430 -15.75 -29.52 14.17
N GLU A 431 -15.48 -30.25 15.25
CA GLU A 431 -14.24 -30.13 16.00
C GLU A 431 -13.10 -30.45 15.02
N GLY A 432 -12.03 -29.68 15.03
CA GLY A 432 -10.84 -30.02 14.25
C GLY A 432 -10.72 -29.28 12.96
N MET A 433 -11.84 -28.74 12.48
CA MET A 433 -11.81 -27.85 11.28
C MET A 433 -11.01 -26.64 11.67
N TYR A 434 -10.12 -26.26 10.75
CA TYR A 434 -9.22 -25.12 10.98
C TYR A 434 -9.09 -24.09 9.82
N VAL A 435 -8.58 -22.92 10.18
CA VAL A 435 -8.16 -21.85 9.26
C VAL A 435 -6.72 -21.55 9.52
N LEU A 436 -5.93 -21.47 8.45
CA LEU A 436 -4.58 -20.92 8.51
C LEU A 436 -4.53 -19.51 8.02
N ARG A 437 -3.88 -18.65 8.76
CA ARG A 437 -3.77 -17.24 8.43
C ARG A 437 -2.45 -16.65 8.84
N TRP A 438 -1.89 -15.80 8.02
CA TRP A 438 -0.72 -15.04 8.42
C TRP A 438 -1.01 -14.07 9.58
N SER A 439 -0.02 -13.91 10.44
CA SER A 439 -0.15 -13.03 11.58
C SER A 439 -0.37 -11.60 11.11
N CYS A 440 -1.15 -10.88 11.90
CA CYS A 440 -1.42 -9.48 11.64
C CYS A 440 -0.27 -8.57 12.11
N THR A 441 0.67 -9.09 12.91
CA THR A 441 1.62 -8.21 13.57
C THR A 441 3.06 -8.52 13.21
N ASP A 442 3.36 -9.66 12.62
CA ASP A 442 4.68 -9.84 12.12
C ASP A 442 4.65 -10.73 10.92
N PHE A 443 5.80 -10.79 10.25
CA PHE A 443 5.93 -11.58 9.02
C PHE A 443 6.48 -12.99 9.17
N ASP A 444 6.64 -13.45 10.41
CA ASP A 444 7.35 -14.67 10.69
C ASP A 444 6.48 -15.78 11.18
N ASN A 445 5.19 -15.52 11.37
CA ASN A 445 4.29 -16.50 11.97
C ASN A 445 2.97 -16.65 11.25
N ILE A 446 2.48 -17.89 11.17
CA ILE A 446 1.16 -18.25 10.76
C ILE A 446 0.41 -18.68 11.98
N LEU A 447 -0.84 -18.27 12.07
CA LEU A 447 -1.76 -18.78 13.06
C LEU A 447 -2.71 -19.82 12.56
N MET A 448 -2.97 -20.84 13.38
CA MET A 448 -3.95 -21.85 13.10
C MET A 448 -5.08 -21.69 14.11
N THR A 449 -6.27 -21.41 13.58
CA THR A 449 -7.48 -21.25 14.34
C THR A 449 -8.34 -22.49 14.11
N VAL A 450 -8.72 -23.11 15.24
CA VAL A 450 -9.34 -24.43 15.28
C VAL A 450 -10.65 -24.40 16.14
N THR A 451 -11.67 -25.07 15.61
CA THR A 451 -12.93 -25.32 16.36
C THR A 451 -12.71 -26.47 17.34
N CYS A 452 -13.03 -26.26 18.63
CA CYS A 452 -12.84 -27.27 19.70
C CYS A 452 -14.10 -27.32 20.46
N PHE A 453 -14.30 -28.37 21.27
CA PHE A 453 -15.44 -28.39 22.22
C PHE A 453 -15.04 -28.84 23.64
N GLU A 454 -15.59 -28.21 24.69
CA GLU A 454 -15.42 -28.69 26.09
C GLU A 454 -16.27 -29.95 26.42
N LYS A 455 -16.18 -30.46 27.66
CA LYS A 455 -17.13 -31.45 28.21
C LYS A 455 -17.50 -31.17 29.67
N GLN A 463 -20.50 -27.27 23.28
CA GLN A 463 -19.88 -26.15 24.00
C GLN A 463 -18.59 -25.64 23.27
N LYS A 464 -18.85 -24.93 22.16
CA LYS A 464 -17.90 -24.70 21.06
C LYS A 464 -16.92 -23.54 21.24
N GLN A 465 -15.61 -23.83 21.25
CA GLN A 465 -14.58 -22.79 21.39
C GLN A 465 -13.62 -22.70 20.20
N PHE A 466 -12.90 -21.59 20.14
CA PHE A 466 -11.95 -21.38 19.06
C PHE A 466 -10.59 -21.16 19.63
N LYS A 467 -9.61 -21.96 19.21
CA LYS A 467 -8.28 -21.84 19.82
C LYS A 467 -7.34 -21.43 18.75
N ASN A 468 -6.24 -20.74 19.13
CA ASN A 468 -5.23 -20.25 18.18
C ASN A 468 -3.84 -20.72 18.48
N PHE A 469 -3.16 -21.26 17.48
CA PHE A 469 -1.86 -21.89 17.72
C PHE A 469 -0.87 -21.32 16.78
N GLN A 470 0.32 -21.02 17.27
CA GLN A 470 1.30 -20.32 16.49
C GLN A 470 2.26 -21.26 15.78
N ILE A 471 2.51 -20.96 14.51
CA ILE A 471 3.45 -21.70 13.62
C ILE A 471 4.52 -20.74 13.16
N GLU A 472 5.78 -21.10 13.40
CA GLU A 472 6.90 -20.34 13.01
C GLU A 472 7.36 -20.67 11.63
N VAL A 473 7.72 -19.64 10.88
CA VAL A 473 8.25 -19.81 9.53
C VAL A 473 9.57 -19.13 9.45
N GLN A 474 10.61 -19.87 9.11
CA GLN A 474 11.96 -19.36 9.14
C GLN A 474 12.78 -20.05 8.05
N LYS A 475 13.16 -19.25 7.05
CA LYS A 475 13.85 -19.68 5.83
C LYS A 475 13.25 -20.91 5.25
N GLY A 476 11.99 -20.79 4.87
CA GLY A 476 11.31 -21.93 4.27
C GLY A 476 11.10 -23.11 5.21
N ARG A 477 11.37 -22.95 6.52
CA ARG A 477 11.18 -24.07 7.47
C ARG A 477 9.98 -23.78 8.40
N TYR A 478 9.19 -24.78 8.70
CA TYR A 478 7.96 -24.60 9.48
C TYR A 478 7.97 -25.40 10.79
N SER A 479 7.78 -24.77 11.91
CA SER A 479 7.85 -25.51 13.16
C SER A 479 6.75 -24.94 14.05
N LEU A 480 6.14 -25.78 14.88
CA LEU A 480 5.34 -25.27 15.98
C LEU A 480 6.18 -24.40 16.90
N HIS A 481 5.52 -23.42 17.51
CA HIS A 481 6.16 -22.40 18.32
C HIS A 481 6.95 -23.06 19.46
N GLY A 482 8.26 -22.82 19.50
CA GLY A 482 9.11 -23.42 20.57
C GLY A 482 9.78 -24.77 20.27
N SER A 483 9.31 -25.46 19.25
CA SER A 483 9.79 -26.76 18.92
C SER A 483 11.16 -26.78 18.21
N ASP A 484 11.90 -27.85 18.42
CA ASP A 484 13.23 -27.98 17.83
C ASP A 484 13.07 -28.75 16.58
N ARG A 485 11.85 -29.24 16.35
CA ARG A 485 11.54 -29.94 15.15
C ARG A 485 10.85 -29.02 14.12
N SER A 486 11.38 -29.00 12.89
CA SER A 486 10.87 -28.19 11.83
C SER A 486 10.68 -29.05 10.62
N PHE A 487 10.05 -28.50 9.60
CA PHE A 487 9.62 -29.24 8.43
C PHE A 487 9.96 -28.40 7.22
N PRO A 488 10.18 -29.06 6.08
CA PRO A 488 10.61 -28.31 4.92
C PRO A 488 9.46 -27.65 4.20
N SER A 489 8.21 -27.96 4.56
CA SER A 489 7.06 -27.28 3.99
C SER A 489 5.91 -27.20 4.95
N LEU A 490 5.00 -26.26 4.77
CA LEU A 490 3.86 -26.20 5.63
C LEU A 490 3.07 -27.47 5.55
N GLY A 491 2.89 -28.02 4.36
CA GLY A 491 2.01 -29.22 4.23
C GLY A 491 2.60 -30.44 4.94
N ASP A 492 3.93 -30.56 4.91
CA ASP A 492 4.58 -31.56 5.78
C ASP A 492 4.24 -31.37 7.25
N LEU A 493 4.35 -30.14 7.74
CA LEU A 493 4.03 -29.90 9.11
C LEU A 493 2.57 -30.27 9.44
N MET A 494 1.65 -29.90 8.56
CA MET A 494 0.26 -30.28 8.77
C MET A 494 -0.01 -31.77 8.76
N SER A 495 0.66 -32.52 7.90
CA SER A 495 0.42 -33.98 7.88
C SER A 495 0.85 -34.60 9.20
N HIS A 496 2.04 -34.23 9.64
CA HIS A 496 2.54 -34.70 10.93
C HIS A 496 1.51 -34.33 12.04
N LEU A 497 0.99 -33.11 12.01
CA LEU A 497 0.10 -32.69 13.08
C LEU A 497 -1.19 -33.44 13.06
N LYS A 498 -1.59 -33.83 11.84
CA LYS A 498 -2.83 -34.62 11.65
C LYS A 498 -2.71 -36.04 12.15
N LYS A 499 -1.51 -36.49 12.54
CA LYS A 499 -1.37 -37.81 13.21
C LYS A 499 -1.31 -37.77 14.72
N GLN A 500 -1.60 -36.61 15.32
CA GLN A 500 -1.49 -36.44 16.74
C GLN A 500 -2.85 -36.20 17.37
N ILE A 501 -2.87 -36.27 18.69
CA ILE A 501 -3.94 -35.78 19.51
C ILE A 501 -3.42 -34.48 20.01
N LEU A 502 -4.23 -33.43 19.82
CA LEU A 502 -3.87 -32.12 20.21
C LEU A 502 -4.64 -31.79 21.46
N ARG A 503 -4.06 -30.91 22.26
CA ARG A 503 -4.69 -30.48 23.47
C ARG A 503 -4.26 -29.13 23.85
N THR A 504 -5.19 -28.46 24.53
CA THR A 504 -4.89 -27.23 25.21
C THR A 504 -5.97 -27.03 26.24
N ASP A 505 -5.62 -26.42 27.39
CA ASP A 505 -6.58 -26.23 28.48
C ASP A 505 -7.16 -27.63 28.76
N ASN A 506 -8.48 -27.84 28.83
CA ASN A 506 -8.88 -29.27 29.02
C ASN A 506 -9.18 -30.11 27.79
N ILE A 507 -9.09 -29.46 26.65
CA ILE A 507 -9.68 -29.94 25.45
C ILE A 507 -8.70 -30.70 24.62
N SER A 508 -9.09 -31.89 24.18
CA SER A 508 -8.27 -32.71 23.29
C SER A 508 -9.06 -32.89 22.02
N PHE A 509 -8.38 -33.03 20.89
CA PHE A 509 -9.05 -33.13 19.59
C PHE A 509 -8.01 -33.55 18.59
N MET A 510 -8.45 -33.93 17.40
CA MET A 510 -7.56 -34.16 16.29
C MET A 510 -7.95 -33.19 15.17
N LEU A 511 -6.99 -32.69 14.39
CA LEU A 511 -7.30 -31.90 13.17
C LEU A 511 -8.14 -32.61 12.14
N LYS A 512 -9.11 -31.90 11.56
CA LYS A 512 -10.06 -32.41 10.58
C LYS A 512 -9.58 -31.75 9.27
N ARG A 513 -10.27 -30.75 8.72
CA ARG A 513 -9.87 -30.19 7.43
C ARG A 513 -9.71 -28.68 7.47
N CYS A 514 -8.94 -28.23 6.50
CA CYS A 514 -8.72 -26.79 6.28
C CYS A 514 -9.88 -26.05 5.60
N CYS A 515 -10.38 -24.99 6.21
CA CYS A 515 -11.31 -24.06 5.56
C CYS A 515 -10.50 -23.04 4.80
N GLN A 516 -10.41 -23.24 3.49
CA GLN A 516 -9.54 -22.44 2.65
C GLN A 516 -10.18 -21.14 2.28
N PRO A 517 -9.34 -20.17 1.84
CA PRO A 517 -9.85 -18.92 1.27
C PRO A 517 -10.81 -19.20 0.14
N LYS A 518 -11.89 -18.42 0.05
CA LYS A 518 -12.89 -18.51 -1.02
C LYS A 518 -12.74 -17.30 -1.97
N PRO A 519 -12.87 -17.50 -3.33
CA PRO A 519 -12.81 -16.41 -4.28
C PRO A 519 -13.72 -15.27 -3.92
N ARG A 520 -13.20 -14.05 -3.96
CA ARG A 520 -13.98 -12.83 -3.81
C ARG A 520 -14.59 -12.63 -2.43
N GLU A 521 -14.21 -13.42 -1.44
CA GLU A 521 -14.78 -13.15 -0.11
C GLU A 521 -14.27 -11.84 0.47
N ILE A 522 -15.04 -11.30 1.40
CA ILE A 522 -14.84 -10.04 1.94
C ILE A 522 -14.06 -10.21 3.22
N SER A 523 -13.07 -9.36 3.44
CA SER A 523 -12.33 -9.30 4.68
C SER A 523 -11.70 -7.92 4.78
N ASN A 524 -10.93 -7.72 5.83
CA ASN A 524 -10.24 -6.50 6.12
C ASN A 524 -9.05 -6.28 5.17
N LEU A 525 -8.66 -7.29 4.42
CA LEU A 525 -7.67 -7.11 3.36
C LEU A 525 -8.20 -6.33 2.15
N LEU A 526 -9.51 -6.23 1.98
CA LEU A 526 -10.14 -5.49 0.92
C LEU A 526 -10.51 -4.07 1.31
N VAL A 527 -10.41 -3.18 0.32
CA VAL A 527 -10.73 -1.77 0.43
C VAL A 527 -12.11 -1.54 -0.16
N ALA A 528 -12.98 -0.93 0.64
CA ALA A 528 -14.36 -0.67 0.24
C ALA A 528 -14.50 0.72 -0.42
N THR A 529 -14.28 0.75 -1.71
CA THR A 529 -14.41 1.95 -2.51
C THR A 529 -15.77 1.89 -3.17
N LYS A 530 -16.27 3.07 -3.52
CA LYS A 530 -17.49 3.25 -4.28
C LYS A 530 -17.66 2.24 -5.47
N LYS A 531 -16.72 2.27 -6.43
CA LYS A 531 -16.75 1.35 -7.57
C LYS A 531 -16.66 -0.19 -7.21
N ALA A 532 -16.05 -0.57 -6.07
CA ALA A 532 -15.92 -2.02 -5.64
C ALA A 532 -17.26 -2.69 -5.22
N GLN A 533 -18.26 -1.86 -4.86
CA GLN A 533 -19.62 -2.29 -4.50
C GLN A 533 -20.50 -2.78 -5.67
N GLU A 534 -20.23 -2.31 -6.90
CA GLU A 534 -20.86 -2.81 -8.17
C GLU A 534 -22.29 -2.31 -8.26
N ALA B 2 -2.02 39.48 2.35
CA ALA B 2 -2.30 38.19 1.74
C ALA B 2 -3.03 37.24 2.70
N LYS B 3 -3.98 36.48 2.14
CA LYS B 3 -4.87 35.58 2.90
C LYS B 3 -4.25 34.18 3.15
N MET B 4 -4.67 33.53 4.24
CA MET B 4 -4.10 32.25 4.56
C MET B 4 -4.49 31.28 3.46
N PRO B 5 -3.53 30.42 3.05
CA PRO B 5 -3.90 29.41 2.04
C PRO B 5 -4.79 28.33 2.66
N ARG B 6 -5.59 27.69 1.80
CA ARG B 6 -6.45 26.59 2.22
C ARG B 6 -5.66 25.48 2.88
N ALA B 7 -4.41 25.29 2.47
CA ALA B 7 -3.55 24.32 3.10
C ALA B 7 -3.31 24.48 4.57
N LEU B 8 -3.53 25.68 5.11
CA LEU B 8 -3.18 25.95 6.54
C LEU B 8 -4.42 26.13 7.39
N ASP B 9 -5.56 26.03 6.74
CA ASP B 9 -6.81 26.17 7.38
C ASP B 9 -7.27 24.81 7.98
N PHE B 10 -7.37 24.78 9.29
CA PHE B 10 -7.80 23.58 9.96
C PHE B 10 -9.09 23.88 10.70
N SER B 11 -9.99 24.66 10.11
CA SER B 11 -11.17 25.10 10.82
C SER B 11 -12.33 24.10 10.76
N GLY B 12 -12.52 23.44 9.61
CA GLY B 12 -13.66 22.53 9.41
C GLY B 12 -13.59 21.29 10.29
N HIS B 13 -14.75 20.73 10.66
CA HIS B 13 -14.89 19.64 11.64
C HIS B 13 -13.89 18.49 11.46
N THR B 14 -13.39 17.90 12.57
CA THR B 14 -12.52 16.71 12.49
C THR B 14 -13.37 15.52 12.05
N HIS B 15 -12.81 14.72 11.14
CA HIS B 15 -13.45 13.53 10.59
C HIS B 15 -12.89 12.33 11.40
N PRO B 16 -13.41 11.09 11.14
CA PRO B 16 -12.79 9.90 11.74
C PRO B 16 -11.24 9.88 11.66
N VAL B 17 -10.56 9.44 12.72
CA VAL B 17 -9.10 9.29 12.67
C VAL B 17 -8.72 8.45 11.46
N ALA B 18 -7.71 8.91 10.75
CA ALA B 18 -7.46 8.44 9.40
C ALA B 18 -6.46 7.30 9.32
N THR B 19 -5.89 6.89 10.44
CA THR B 19 -4.98 5.77 10.47
C THR B 19 -5.35 4.87 11.63
N PHE B 20 -4.71 3.70 11.69
CA PHE B 20 -4.94 2.73 12.75
C PHE B 20 -3.64 2.44 13.52
N GLN B 21 -3.81 2.13 14.80
CA GLN B 21 -2.71 1.70 15.61
C GLN B 21 -2.59 0.20 15.41
N PRO B 22 -1.36 -0.29 15.19
CA PRO B 22 -1.23 -1.74 15.11
C PRO B 22 -1.65 -2.35 16.47
N SER B 23 -2.50 -3.38 16.41
CA SER B 23 -2.96 -4.10 17.59
C SER B 23 -1.80 -4.81 18.33
N ARG B 24 -1.98 -5.07 19.63
CA ARG B 24 -1.02 -5.91 20.39
C ARG B 24 -1.01 -7.31 19.79
N PRO B 25 0.17 -7.98 19.74
CA PRO B 25 0.15 -9.36 19.25
C PRO B 25 -1.00 -10.18 19.89
N GLU B 26 -1.65 -11.00 19.07
CA GLU B 26 -2.68 -11.90 19.55
C GLU B 26 -2.07 -12.89 20.52
N SER B 27 -2.82 -13.22 21.55
CA SER B 27 -2.35 -14.27 22.45
C SER B 27 -2.70 -15.64 21.84
N VAL B 28 -1.76 -16.57 22.01
CA VAL B 28 -1.92 -17.90 21.49
C VAL B 28 -2.02 -18.92 22.61
N ASN B 29 -2.67 -20.03 22.29
CA ASN B 29 -2.76 -21.14 23.18
C ASN B 29 -1.60 -22.07 23.07
N ASP B 30 -1.16 -22.56 24.22
CA ASP B 30 -0.16 -23.63 24.31
C ASP B 30 -0.69 -24.86 23.63
N LEU B 31 0.14 -25.40 22.76
CA LEU B 31 -0.26 -26.59 22.03
C LEU B 31 0.49 -27.84 22.60
N PHE B 32 -0.24 -28.81 23.15
CA PHE B 32 0.33 -30.09 23.59
C PHE B 32 -0.04 -31.16 22.60
N LEU B 33 0.94 -31.96 22.23
CA LEU B 33 0.83 -33.13 21.35
C LEU B 33 1.02 -34.49 22.11
N CYS B 34 0.26 -35.50 21.72
CA CYS B 34 0.42 -36.87 22.18
C CYS B 34 0.23 -37.71 20.96
N PRO B 35 1.12 -38.68 20.69
CA PRO B 35 0.83 -39.50 19.47
C PRO B 35 -0.51 -40.21 19.49
N GLN B 36 -1.09 -40.34 18.30
CA GLN B 36 -2.32 -41.09 18.16
C GLN B 36 -1.88 -42.53 18.28
N LYS B 37 -2.72 -43.36 18.92
CA LYS B 37 -2.34 -44.77 19.09
C LYS B 37 -2.61 -45.60 17.84
N GLU B 38 -1.69 -46.54 17.57
CA GLU B 38 -1.66 -47.33 16.34
C GLU B 38 -3.01 -47.95 15.92
#